data_6MY3
#
_entry.id   6MY3
#
_entity_poly.entity_id   1
_entity_poly.type   'polypeptide(L)'
_entity_poly.pdbx_seq_one_letter_code
;(PCA)CRRLCYKQRCVTYCRGR(NH2)
;
_entity_poly.pdbx_strand_id   A
#
# COMPACT_ATOMS: atom_id res chain seq x y z
N CYS A 2 -0.05 8.81 -2.75
CA CYS A 2 -0.11 7.37 -2.62
C CYS A 2 0.74 6.89 -1.44
N ARG A 3 0.43 5.70 -0.94
CA ARG A 3 1.17 5.14 0.19
C ARG A 3 1.45 3.66 -0.03
N ARG A 4 2.69 3.26 0.20
CA ARG A 4 3.10 1.87 0.02
C ARG A 4 3.56 1.26 1.34
N LEU A 5 2.98 0.10 1.69
CA LEU A 5 3.33 -0.57 2.93
C LEU A 5 3.73 -2.02 2.66
N CYS A 6 4.90 -2.42 3.16
CA CYS A 6 5.39 -3.78 2.97
C CYS A 6 5.57 -4.47 4.32
N TYR A 7 4.95 -5.64 4.46
CA TYR A 7 5.05 -6.41 5.69
C TYR A 7 4.62 -7.86 5.47
N LYS A 8 5.35 -8.78 6.08
CA LYS A 8 5.05 -10.21 5.96
C LYS A 8 4.93 -10.61 4.48
N GLN A 9 5.83 -10.06 3.66
CA GLN A 9 5.83 -10.38 2.24
C GLN A 9 4.54 -9.89 1.58
N ARG A 10 4.02 -8.76 2.06
CA ARG A 10 2.79 -8.20 1.51
C ARG A 10 2.97 -6.72 1.18
N CYS A 11 3.14 -6.43 -0.11
CA CYS A 11 3.32 -5.06 -0.56
C CYS A 11 2.13 -4.59 -1.39
N VAL A 12 1.60 -3.42 -1.04
CA VAL A 12 0.46 -2.86 -1.76
C VAL A 12 0.56 -1.34 -1.86
N THR A 13 -0.02 -0.78 -2.92
CA THR A 13 0.01 0.65 -3.14
C THR A 13 -1.39 1.25 -3.07
N TYR A 14 -1.67 1.96 -1.99
CA TYR A 14 -2.97 2.59 -1.80
C TYR A 14 -2.93 4.07 -2.15
N CYS A 15 -3.78 4.48 -3.09
CA CYS A 15 -3.83 5.87 -3.51
C CYS A 15 -5.21 6.47 -3.24
N ARG A 16 -5.29 7.79 -3.26
CA ARG A 16 -6.54 8.49 -3.01
C ARG A 16 -7.65 7.97 -3.92
N GLY A 17 -8.87 7.91 -3.39
CA GLY A 17 -9.99 7.42 -4.18
C GLY A 17 -11.03 6.73 -3.32
N ARG A 18 -10.75 5.49 -2.94
CA ARG A 18 -11.67 4.72 -2.12
C ARG A 18 -11.16 4.60 -0.69
N CYS A 2 0.10 8.45 -3.14
CA CYS A 2 -0.19 7.09 -2.69
C CYS A 2 0.77 6.67 -1.58
N ARG A 3 0.37 5.66 -0.82
CA ARG A 3 1.19 5.15 0.28
C ARG A 3 1.52 3.68 0.07
N ARG A 4 2.81 3.35 0.14
CA ARG A 4 3.25 1.97 -0.04
C ARG A 4 3.68 1.36 1.29
N LEU A 5 3.09 0.22 1.63
CA LEU A 5 3.41 -0.46 2.88
C LEU A 5 3.79 -1.92 2.61
N CYS A 6 4.85 -2.37 3.26
CA CYS A 6 5.32 -3.74 3.10
C CYS A 6 5.39 -4.45 4.46
N TYR A 7 4.73 -5.60 4.54
CA TYR A 7 4.71 -6.38 5.78
C TYR A 7 4.32 -7.83 5.51
N LYS A 8 5.03 -8.75 6.15
CA LYS A 8 4.76 -10.18 5.98
C LYS A 8 4.78 -10.56 4.51
N GLN A 9 5.71 -9.99 3.75
CA GLN A 9 5.83 -10.27 2.33
C GLN A 9 4.57 -9.81 1.58
N ARG A 10 4.00 -8.70 2.03
CA ARG A 10 2.79 -8.15 1.42
C ARG A 10 2.96 -6.67 1.12
N CYS A 11 3.23 -6.35 -0.15
CA CYS A 11 3.41 -4.97 -0.57
C CYS A 11 2.28 -4.52 -1.48
N VAL A 12 1.68 -3.37 -1.15
CA VAL A 12 0.58 -2.84 -1.94
C VAL A 12 0.62 -1.31 -1.98
N THR A 13 0.10 -0.73 -3.06
CA THR A 13 0.08 0.72 -3.21
C THR A 13 -1.34 1.26 -3.17
N TYR A 14 -1.69 1.88 -2.05
CA TYR A 14 -3.03 2.44 -1.88
C TYR A 14 -3.02 3.95 -2.08
N CYS A 15 -3.92 4.44 -2.93
CA CYS A 15 -4.00 5.86 -3.23
C CYS A 15 -5.31 6.44 -2.69
N ARG A 16 -5.37 7.76 -2.59
CA ARG A 16 -6.56 8.44 -2.09
C ARG A 16 -7.80 8.00 -2.86
N GLY A 17 -8.87 7.70 -2.14
CA GLY A 17 -10.11 7.27 -2.77
C GLY A 17 -10.70 6.03 -2.12
N ARG A 18 -10.60 4.91 -2.81
CA ARG A 18 -11.12 3.65 -2.28
C ARG A 18 -10.51 3.31 -0.93
N CYS A 2 0.07 8.60 -2.93
CA CYS A 2 -0.09 7.17 -2.69
C CYS A 2 0.74 6.72 -1.49
N ARG A 3 0.42 5.55 -0.95
CA ARG A 3 1.13 5.01 0.20
C ARG A 3 1.51 3.55 -0.03
N ARG A 4 2.77 3.22 0.22
CA ARG A 4 3.26 1.87 0.04
C ARG A 4 3.66 1.25 1.38
N LEU A 5 3.03 0.14 1.72
CA LEU A 5 3.31 -0.55 2.98
C LEU A 5 3.70 -2.01 2.72
N CYS A 6 4.90 -2.37 3.17
CA CYS A 6 5.40 -3.74 2.99
C CYS A 6 5.55 -4.45 4.33
N TYR A 7 4.94 -5.61 4.44
CA TYR A 7 5.00 -6.39 5.68
C TYR A 7 4.58 -7.84 5.44
N LYS A 8 5.31 -8.78 6.04
CA LYS A 8 5.02 -10.19 5.90
C LYS A 8 4.92 -10.57 4.42
N GLN A 9 5.81 -10.02 3.61
CA GLN A 9 5.83 -10.31 2.18
C GLN A 9 4.55 -9.83 1.52
N ARG A 10 4.02 -8.71 2.00
CA ARG A 10 2.79 -8.15 1.47
C ARG A 10 2.96 -6.67 1.14
N CYS A 11 3.16 -6.36 -0.13
CA CYS A 11 3.34 -4.99 -0.57
C CYS A 11 2.16 -4.52 -1.42
N VAL A 12 1.61 -3.35 -1.07
CA VAL A 12 0.47 -2.80 -1.80
C VAL A 12 0.55 -1.28 -1.86
N THR A 13 0.00 -0.71 -2.92
CA THR A 13 0.00 0.74 -3.11
C THR A 13 -1.41 1.31 -3.06
N TYR A 14 -1.74 1.98 -1.96
CA TYR A 14 -3.07 2.57 -1.79
C TYR A 14 -3.04 4.07 -2.08
N CYS A 15 -3.78 4.49 -3.09
CA CYS A 15 -3.85 5.90 -3.47
C CYS A 15 -5.21 6.49 -3.14
N ARG A 16 -5.24 7.80 -2.90
CA ARG A 16 -6.48 8.48 -2.58
C ARG A 16 -7.37 8.62 -3.81
N GLY A 17 -8.67 8.40 -3.62
CA GLY A 17 -9.60 8.49 -4.73
C GLY A 17 -10.51 7.28 -4.83
N ARG A 18 -11.32 7.24 -5.88
CA ARG A 18 -12.24 6.12 -6.09
C ARG A 18 -11.49 4.86 -6.48
N CYS A 2 -0.14 8.84 -2.86
CA CYS A 2 -0.20 7.40 -2.67
C CYS A 2 0.81 6.94 -1.62
N ARG A 3 0.54 5.79 -1.00
CA ARG A 3 1.43 5.25 0.03
C ARG A 3 1.59 3.74 -0.13
N ARG A 4 2.79 3.25 0.11
CA ARG A 4 3.08 1.83 0.00
C ARG A 4 3.47 1.24 1.35
N LEU A 5 2.90 0.08 1.66
CA LEU A 5 3.18 -0.59 2.93
C LEU A 5 3.61 -2.03 2.70
N CYS A 6 4.79 -2.38 3.20
CA CYS A 6 5.32 -3.74 3.06
C CYS A 6 5.44 -4.43 4.41
N TYR A 7 4.85 -5.61 4.52
CA TYR A 7 4.88 -6.38 5.76
C TYR A 7 4.49 -7.83 5.51
N LYS A 8 5.22 -8.74 6.16
CA LYS A 8 4.95 -10.17 6.01
C LYS A 8 4.92 -10.57 4.54
N GLN A 9 5.84 -10.01 3.76
CA GLN A 9 5.91 -10.31 2.33
C GLN A 9 4.65 -9.85 1.62
N ARG A 10 4.08 -8.75 2.07
CA ARG A 10 2.87 -8.20 1.47
C ARG A 10 3.03 -6.72 1.15
N CYS A 11 3.26 -6.42 -0.13
CA CYS A 11 3.43 -5.05 -0.57
C CYS A 11 2.27 -4.60 -1.45
N VAL A 12 1.70 -3.44 -1.12
CA VAL A 12 0.57 -2.91 -1.88
C VAL A 12 0.63 -1.39 -1.94
N THR A 13 0.08 -0.83 -3.01
CA THR A 13 0.06 0.62 -3.19
C THR A 13 -1.37 1.16 -3.17
N TYR A 14 -1.70 1.88 -2.11
CA TYR A 14 -3.04 2.45 -1.96
C TYR A 14 -3.00 3.98 -2.09
N CYS A 15 -3.85 4.51 -2.96
CA CYS A 15 -3.90 5.95 -3.18
C CYS A 15 -5.19 6.53 -2.59
N ARG A 16 -5.12 7.80 -2.20
CA ARG A 16 -6.28 8.48 -1.61
C ARG A 16 -7.47 8.42 -2.56
N GLY A 17 -8.66 8.33 -2.00
CA GLY A 17 -9.87 8.27 -2.81
C GLY A 17 -10.40 6.86 -2.95
N ARG A 18 -10.13 6.24 -4.10
CA ARG A 18 -10.59 4.88 -4.36
C ARG A 18 -9.91 3.88 -3.44
N CYS A 2 -0.04 8.72 -3.09
CA CYS A 2 -0.16 7.30 -2.80
C CYS A 2 0.79 6.88 -1.70
N ARG A 3 0.53 5.72 -1.09
CA ARG A 3 1.37 5.20 -0.02
C ARG A 3 1.67 3.72 -0.23
N ARG A 4 2.87 3.31 0.17
CA ARG A 4 3.29 1.93 0.02
C ARG A 4 3.55 1.29 1.38
N LEU A 5 2.93 0.14 1.62
CA LEU A 5 3.10 -0.57 2.89
C LEU A 5 3.55 -2.00 2.65
N CYS A 6 4.69 -2.36 3.25
CA CYS A 6 5.23 -3.70 3.11
C CYS A 6 5.31 -4.41 4.45
N TYR A 7 4.74 -5.60 4.54
CA TYR A 7 4.75 -6.38 5.77
C TYR A 7 4.40 -7.83 5.50
N LYS A 8 5.10 -8.74 6.16
CA LYS A 8 4.86 -10.17 6.01
C LYS A 8 4.87 -10.56 4.53
N GLN A 9 5.81 -9.98 3.78
CA GLN A 9 5.93 -10.27 2.36
C GLN A 9 4.68 -9.83 1.60
N ARG A 10 4.09 -8.72 2.05
CA ARG A 10 2.89 -8.19 1.41
C ARG A 10 3.05 -6.71 1.11
N CYS A 11 3.29 -6.39 -0.16
CA CYS A 11 3.46 -5.01 -0.59
C CYS A 11 2.32 -4.56 -1.48
N VAL A 12 1.73 -3.42 -1.14
CA VAL A 12 0.61 -2.88 -1.91
C VAL A 12 0.65 -1.35 -1.95
N THR A 13 0.11 -0.78 -3.02
CA THR A 13 0.09 0.67 -3.18
C THR A 13 -1.33 1.20 -3.13
N TYR A 14 -1.68 1.84 -2.02
CA TYR A 14 -3.02 2.40 -1.84
C TYR A 14 -2.99 3.92 -1.97
N CYS A 15 -3.88 4.45 -2.80
CA CYS A 15 -3.97 5.89 -3.02
C CYS A 15 -5.27 6.44 -2.47
N ARG A 16 -5.29 7.74 -2.20
CA ARG A 16 -6.48 8.40 -1.68
C ARG A 16 -7.52 8.63 -2.77
N GLY A 17 -8.78 8.34 -2.46
CA GLY A 17 -9.84 8.52 -3.43
C GLY A 17 -10.80 9.64 -3.04
N ARG A 18 -11.14 10.48 -4.01
CA ARG A 18 -12.05 11.58 -3.77
C ARG A 18 -13.48 11.21 -4.14
N CYS A 2 -0.11 8.76 -2.94
CA CYS A 2 -0.16 7.31 -2.74
C CYS A 2 0.87 6.88 -1.70
N ARG A 3 0.57 5.78 -1.01
CA ARG A 3 1.46 5.25 0.02
C ARG A 3 1.70 3.77 -0.18
N ARG A 4 2.91 3.32 0.17
CA ARG A 4 3.27 1.91 0.02
C ARG A 4 3.54 1.28 1.37
N LEU A 5 2.90 0.14 1.64
CA LEU A 5 3.08 -0.57 2.90
C LEU A 5 3.54 -2.00 2.66
N CYS A 6 4.68 -2.36 3.24
CA CYS A 6 5.23 -3.70 3.09
C CYS A 6 5.32 -4.40 4.45
N TYR A 7 4.76 -5.60 4.52
CA TYR A 7 4.77 -6.38 5.76
C TYR A 7 4.41 -7.83 5.48
N LYS A 8 5.13 -8.74 6.15
CA LYS A 8 4.89 -10.17 5.98
C LYS A 8 4.90 -10.55 4.50
N GLN A 9 5.83 -9.98 3.75
CA GLN A 9 5.95 -10.27 2.33
C GLN A 9 4.70 -9.82 1.58
N ARG A 10 4.10 -8.72 2.03
CA ARG A 10 2.89 -8.18 1.41
C ARG A 10 3.05 -6.70 1.10
N CYS A 11 3.29 -6.38 -0.17
CA CYS A 11 3.46 -4.99 -0.59
C CYS A 11 2.29 -4.55 -1.48
N VAL A 12 1.71 -3.41 -1.14
CA VAL A 12 0.58 -2.87 -1.91
C VAL A 12 0.62 -1.35 -1.95
N THR A 13 0.10 -0.78 -3.02
CA THR A 13 0.07 0.67 -3.18
C THR A 13 -1.35 1.20 -3.11
N TYR A 14 -1.68 1.84 -2.00
CA TYR A 14 -3.02 2.40 -1.81
C TYR A 14 -3.02 3.91 -2.00
N CYS A 15 -3.90 4.41 -2.86
CA CYS A 15 -3.99 5.83 -3.13
C CYS A 15 -5.31 6.40 -2.59
N ARG A 16 -5.38 7.72 -2.49
CA ARG A 16 -6.58 8.39 -1.99
C ARG A 16 -7.78 8.05 -2.86
N GLY A 17 -8.91 7.79 -2.21
CA GLY A 17 -10.13 7.47 -2.95
C GLY A 17 -11.14 6.74 -2.10
N ARG A 18 -11.03 5.41 -2.06
CA ARG A 18 -11.95 4.60 -1.28
C ARG A 18 -11.21 3.47 -0.56
N CYS A 2 -0.20 8.75 -2.81
CA CYS A 2 -0.16 7.30 -2.71
C CYS A 2 0.82 6.85 -1.64
N ARG A 3 0.51 5.74 -0.99
CA ARG A 3 1.37 5.21 0.06
C ARG A 3 1.57 3.71 -0.12
N ARG A 4 2.80 3.25 0.14
CA ARG A 4 3.13 1.83 0.00
C ARG A 4 3.52 1.24 1.35
N LEU A 5 2.94 0.10 1.68
CA LEU A 5 3.22 -0.58 2.94
C LEU A 5 3.65 -2.02 2.70
N CYS A 6 4.82 -2.38 3.22
CA CYS A 6 5.34 -3.74 3.07
C CYS A 6 5.45 -4.44 4.42
N TYR A 7 4.84 -5.62 4.51
CA TYR A 7 4.85 -6.39 5.75
C TYR A 7 4.48 -7.84 5.49
N LYS A 8 5.20 -8.76 6.13
CA LYS A 8 4.95 -10.19 5.97
C LYS A 8 4.92 -10.58 4.49
N GLN A 9 5.84 -10.01 3.72
CA GLN A 9 5.92 -10.29 2.30
C GLN A 9 4.66 -9.84 1.58
N ARG A 10 4.09 -8.74 2.04
CA ARG A 10 2.87 -8.20 1.43
C ARG A 10 3.04 -6.71 1.12
N CYS A 11 3.26 -6.39 -0.14
CA CYS A 11 3.43 -5.01 -0.57
C CYS A 11 2.26 -4.56 -1.45
N VAL A 12 1.68 -3.42 -1.11
CA VAL A 12 0.56 -2.88 -1.86
C VAL A 12 0.60 -1.35 -1.90
N THR A 13 0.06 -0.78 -2.97
CA THR A 13 0.04 0.66 -3.13
C THR A 13 -1.39 1.20 -3.09
N TYR A 14 -1.72 1.93 -2.03
CA TYR A 14 -3.05 2.50 -1.88
C TYR A 14 -3.02 4.01 -2.07
N CYS A 15 -3.83 4.50 -2.99
CA CYS A 15 -3.90 5.94 -3.28
C CYS A 15 -5.20 6.53 -2.75
N ARG A 16 -5.16 7.81 -2.40
CA ARG A 16 -6.34 8.49 -1.88
C ARG A 16 -7.49 8.45 -2.89
N GLY A 17 -8.71 8.53 -2.40
CA GLY A 17 -9.87 8.49 -3.27
C GLY A 17 -10.93 7.52 -2.79
N ARG A 18 -10.55 6.25 -2.64
CA ARG A 18 -11.48 5.23 -2.18
C ARG A 18 -10.97 4.55 -0.92
N CYS A 2 -0.07 8.84 -2.92
CA CYS A 2 -0.20 7.41 -2.65
C CYS A 2 0.78 6.98 -1.56
N ARG A 3 0.56 5.78 -1.03
CA ARG A 3 1.42 5.25 0.02
C ARG A 3 1.62 3.74 -0.16
N ARG A 4 2.84 3.28 0.13
CA ARG A 4 3.16 1.86 0.00
C ARG A 4 3.54 1.26 1.36
N LEU A 5 2.96 0.10 1.66
CA LEU A 5 3.24 -0.57 2.93
C LEU A 5 3.66 -2.01 2.70
N CYS A 6 4.82 -2.39 3.23
CA CYS A 6 5.33 -3.74 3.08
C CYS A 6 5.43 -4.44 4.43
N TYR A 7 4.83 -5.61 4.53
CA TYR A 7 4.84 -6.39 5.77
C TYR A 7 4.46 -7.84 5.51
N LYS A 8 5.19 -8.76 6.16
CA LYS A 8 4.92 -10.19 6.00
C LYS A 8 4.90 -10.58 4.53
N GLN A 9 5.82 -10.01 3.76
CA GLN A 9 5.91 -10.30 2.33
C GLN A 9 4.65 -9.85 1.61
N ARG A 10 4.07 -8.74 2.06
CA ARG A 10 2.85 -8.20 1.46
C ARG A 10 3.00 -6.72 1.14
N CYS A 11 3.25 -6.42 -0.12
CA CYS A 11 3.43 -5.03 -0.55
C CYS A 11 2.27 -4.59 -1.45
N VAL A 12 1.68 -3.45 -1.13
CA VAL A 12 0.56 -2.92 -1.90
C VAL A 12 0.59 -1.40 -1.95
N THR A 13 0.06 -0.82 -3.03
CA THR A 13 0.04 0.62 -3.19
C THR A 13 -1.39 1.15 -3.17
N TYR A 14 -1.73 1.89 -2.12
CA TYR A 14 -3.06 2.46 -1.97
C TYR A 14 -3.04 3.97 -2.12
N CYS A 15 -3.86 4.49 -3.02
CA CYS A 15 -3.93 5.93 -3.26
C CYS A 15 -5.23 6.51 -2.70
N ARG A 16 -5.33 7.83 -2.73
CA ARG A 16 -6.52 8.51 -2.23
C ARG A 16 -7.75 8.12 -3.05
N GLY A 17 -8.90 8.04 -2.39
CA GLY A 17 -10.13 7.68 -3.08
C GLY A 17 -11.33 7.65 -2.15
N ARG A 18 -12.53 7.64 -2.73
CA ARG A 18 -13.75 7.61 -1.94
C ARG A 18 -14.89 6.95 -2.73
N CYS A 2 -0.22 8.78 -2.93
CA CYS A 2 -0.27 7.34 -2.68
C CYS A 2 0.73 6.93 -1.61
N ARG A 3 0.53 5.74 -1.05
CA ARG A 3 1.42 5.23 -0.02
C ARG A 3 1.65 3.73 -0.18
N ARG A 4 2.88 3.29 0.09
CA ARG A 4 3.22 1.87 -0.03
C ARG A 4 3.56 1.28 1.32
N LEU A 5 2.96 0.14 1.63
CA LEU A 5 3.19 -0.54 2.90
C LEU A 5 3.61 -1.99 2.68
N CYS A 6 4.77 -2.36 3.22
CA CYS A 6 5.27 -3.73 3.09
C CYS A 6 5.35 -4.41 4.45
N TYR A 7 4.71 -5.57 4.55
CA TYR A 7 4.71 -6.34 5.79
C TYR A 7 4.33 -7.79 5.54
N LYS A 8 5.02 -8.70 6.22
CA LYS A 8 4.76 -10.13 6.07
C LYS A 8 4.79 -10.54 4.60
N GLN A 9 5.73 -9.98 3.85
CA GLN A 9 5.87 -10.29 2.43
C GLN A 9 4.62 -9.84 1.66
N ARG A 10 4.04 -8.72 2.09
CA ARG A 10 2.85 -8.19 1.44
C ARG A 10 3.03 -6.70 1.12
N CYS A 11 3.25 -6.40 -0.16
CA CYS A 11 3.43 -5.03 -0.60
C CYS A 11 2.28 -4.59 -1.50
N VAL A 12 1.69 -3.43 -1.18
CA VAL A 12 0.59 -2.90 -1.96
C VAL A 12 0.64 -1.38 -2.02
N THR A 13 0.10 -0.81 -3.10
CA THR A 13 0.10 0.64 -3.27
C THR A 13 -1.32 1.20 -3.13
N TYR A 14 -1.58 1.85 -2.00
CA TYR A 14 -2.89 2.43 -1.75
C TYR A 14 -2.89 3.93 -2.01
N CYS A 15 -3.84 4.38 -2.80
CA CYS A 15 -3.96 5.80 -3.14
C CYS A 15 -5.24 6.40 -2.58
N ARG A 16 -5.29 7.72 -2.50
CA ARG A 16 -6.46 8.41 -1.97
C ARG A 16 -7.68 8.19 -2.89
N GLY A 17 -8.85 8.09 -2.28
CA GLY A 17 -10.07 7.87 -3.04
C GLY A 17 -11.21 7.37 -2.19
N ARG A 18 -11.07 6.16 -1.65
CA ARG A 18 -12.10 5.57 -0.82
C ARG A 18 -11.58 5.30 0.59
N CYS A 2 -0.09 8.73 -2.99
CA CYS A 2 -0.19 7.30 -2.72
C CYS A 2 0.72 6.89 -1.57
N ARG A 3 0.55 5.68 -1.08
CA ARG A 3 1.36 5.17 0.02
C ARG A 3 1.68 3.68 -0.19
N ARG A 4 2.91 3.29 0.14
CA ARG A 4 3.34 1.91 -0.01
C ARG A 4 3.62 1.28 1.35
N LEU A 5 3.00 0.15 1.61
CA LEU A 5 3.17 -0.55 2.88
C LEU A 5 3.60 -2.00 2.65
N CYS A 6 4.75 -2.36 3.21
CA CYS A 6 5.27 -3.71 3.07
C CYS A 6 5.37 -4.42 4.42
N TYR A 7 4.79 -5.61 4.50
CA TYR A 7 4.81 -6.38 5.75
C TYR A 7 4.42 -7.83 5.49
N LYS A 8 5.14 -8.74 6.14
CA LYS A 8 4.87 -10.17 5.99
C LYS A 8 4.85 -10.57 4.52
N GLN A 9 5.77 -10.01 3.75
CA GLN A 9 5.86 -10.31 2.32
C GLN A 9 4.60 -9.85 1.59
N ARG A 10 4.04 -8.73 2.05
CA ARG A 10 2.83 -8.18 1.44
C ARG A 10 3.01 -6.71 1.13
N CYS A 11 3.24 -6.40 -0.15
CA CYS A 11 3.41 -5.03 -0.59
C CYS A 11 2.26 -4.56 -1.46
N VAL A 12 1.68 -3.41 -1.12
CA VAL A 12 0.57 -2.86 -1.88
C VAL A 12 0.62 -1.35 -1.93
N THR A 13 0.08 -0.77 -2.99
CA THR A 13 0.07 0.68 -3.16
C THR A 13 -1.34 1.24 -3.07
N TYR A 14 -1.65 1.88 -1.95
CA TYR A 14 -2.97 2.46 -1.74
C TYR A 14 -2.97 3.96 -2.02
N CYS A 15 -3.85 4.40 -2.90
CA CYS A 15 -3.95 5.80 -3.26
C CYS A 15 -5.29 6.40 -2.82
N ARG A 16 -5.42 7.71 -2.92
CA ARG A 16 -6.65 8.39 -2.53
C ARG A 16 -7.86 7.77 -3.23
N GLY A 17 -8.95 7.60 -2.47
CA GLY A 17 -10.14 7.02 -3.03
C GLY A 17 -11.21 8.07 -3.31
N ARG A 18 -11.67 8.74 -2.26
CA ARG A 18 -12.70 9.76 -2.41
C ARG A 18 -12.14 11.14 -2.06
N CYS A 2 -0.02 8.77 -2.88
CA CYS A 2 -0.17 7.35 -2.61
C CYS A 2 0.75 6.92 -1.48
N ARG A 3 0.49 5.74 -0.93
CA ARG A 3 1.30 5.20 0.17
C ARG A 3 1.56 3.71 -0.03
N ARG A 4 2.82 3.31 0.16
CA ARG A 4 3.21 1.91 0.00
C ARG A 4 3.59 1.30 1.34
N LEU A 5 3.03 0.14 1.64
CA LEU A 5 3.33 -0.55 2.89
C LEU A 5 3.74 -2.00 2.63
N CYS A 6 4.86 -2.40 3.21
CA CYS A 6 5.37 -3.76 3.04
C CYS A 6 5.50 -4.46 4.38
N TYR A 7 4.91 -5.65 4.50
CA TYR A 7 4.95 -6.42 5.73
C TYR A 7 4.54 -7.87 5.49
N LYS A 8 5.25 -8.80 6.12
CA LYS A 8 4.95 -10.21 5.98
C LYS A 8 4.88 -10.61 4.51
N GLN A 9 5.79 -10.06 3.71
CA GLN A 9 5.83 -10.36 2.28
C GLN A 9 4.56 -9.89 1.59
N ARG A 10 4.02 -8.77 2.06
CA ARG A 10 2.80 -8.22 1.49
C ARG A 10 2.97 -6.74 1.17
N CYS A 11 3.18 -6.43 -0.12
CA CYS A 11 3.36 -5.06 -0.56
C CYS A 11 2.19 -4.60 -1.42
N VAL A 12 1.63 -3.44 -1.09
CA VAL A 12 0.51 -2.89 -1.83
C VAL A 12 0.58 -1.37 -1.90
N THR A 13 0.03 -0.80 -2.97
CA THR A 13 0.04 0.64 -3.16
C THR A 13 -1.39 1.20 -3.12
N TYR A 14 -1.71 1.90 -2.04
CA TYR A 14 -3.03 2.49 -1.87
C TYR A 14 -2.98 4.00 -2.12
N CYS A 15 -3.87 4.48 -2.99
CA CYS A 15 -3.94 5.90 -3.31
C CYS A 15 -5.28 6.49 -2.88
N ARG A 16 -5.22 7.70 -2.33
CA ARG A 16 -6.43 8.38 -1.87
C ARG A 16 -7.35 8.71 -3.04
N GLY A 17 -8.65 8.73 -2.78
CA GLY A 17 -9.61 9.03 -3.83
C GLY A 17 -9.64 10.51 -4.16
N ARG A 18 -9.92 10.82 -5.43
CA ARG A 18 -9.97 12.20 -5.88
C ARG A 18 -11.40 12.74 -5.81
N CYS A 2 0.10 8.53 -3.02
CA CYS A 2 0.02 7.09 -2.81
C CYS A 2 0.90 6.63 -1.66
N ARG A 3 0.45 5.63 -0.93
CA ARG A 3 1.21 5.10 0.21
C ARG A 3 1.57 3.64 -0.01
N ARG A 4 2.83 3.31 0.23
CA ARG A 4 3.32 1.94 0.05
C ARG A 4 3.60 1.29 1.41
N LEU A 5 2.96 0.16 1.66
CA LEU A 5 3.14 -0.56 2.92
C LEU A 5 3.59 -1.99 2.66
N CYS A 6 4.76 -2.35 3.19
CA CYS A 6 5.31 -3.69 3.02
C CYS A 6 5.43 -4.40 4.37
N TYR A 7 4.85 -5.59 4.46
CA TYR A 7 4.89 -6.37 5.68
C TYR A 7 4.52 -7.83 5.42
N LYS A 8 5.25 -8.75 6.05
CA LYS A 8 4.99 -10.17 5.88
C LYS A 8 4.95 -10.55 4.40
N GLN A 9 5.86 -9.97 3.63
CA GLN A 9 5.92 -10.25 2.20
C GLN A 9 4.65 -9.79 1.49
N ARG A 10 4.08 -8.68 1.97
CA ARG A 10 2.86 -8.14 1.39
C ARG A 10 3.02 -6.65 1.08
N CYS A 11 3.24 -6.33 -0.18
CA CYS A 11 3.41 -4.95 -0.61
C CYS A 11 2.24 -4.49 -1.47
N VAL A 12 1.66 -3.35 -1.11
CA VAL A 12 0.52 -2.80 -1.86
C VAL A 12 0.57 -1.28 -1.88
N THR A 13 0.02 -0.69 -2.95
CA THR A 13 0.00 0.75 -3.10
C THR A 13 -1.42 1.29 -2.99
N TYR A 14 -1.73 1.92 -1.87
CA TYR A 14 -3.06 2.48 -1.65
C TYR A 14 -3.06 3.99 -1.90
N CYS A 15 -3.79 4.41 -2.94
CA CYS A 15 -3.88 5.82 -3.28
C CYS A 15 -5.26 6.38 -2.93
N ARG A 16 -5.27 7.57 -2.36
CA ARG A 16 -6.52 8.22 -1.97
C ARG A 16 -7.36 8.55 -3.21
N GLY A 17 -8.65 8.78 -2.99
CA GLY A 17 -9.55 9.10 -4.08
C GLY A 17 -10.37 10.34 -3.82
N ARG A 18 -11.47 10.17 -3.09
CA ARG A 18 -12.35 11.29 -2.76
C ARG A 18 -12.03 11.86 -1.38
N CYS A 2 -0.23 8.94 -2.70
CA CYS A 2 -0.21 7.49 -2.58
C CYS A 2 0.88 7.03 -1.63
N ARG A 3 0.69 5.87 -1.03
CA ARG A 3 1.67 5.32 -0.10
C ARG A 3 1.78 3.81 -0.24
N ARG A 4 2.95 3.27 0.06
CA ARG A 4 3.18 1.83 -0.04
C ARG A 4 3.52 1.23 1.33
N LEU A 5 2.90 0.10 1.64
CA LEU A 5 3.13 -0.57 2.91
C LEU A 5 3.57 -2.01 2.70
N CYS A 6 4.73 -2.36 3.25
CA CYS A 6 5.27 -3.71 3.12
C CYS A 6 5.33 -4.40 4.48
N TYR A 7 4.76 -5.60 4.55
CA TYR A 7 4.75 -6.36 5.80
C TYR A 7 4.41 -7.82 5.53
N LYS A 8 5.13 -8.72 6.19
CA LYS A 8 4.90 -10.15 6.03
C LYS A 8 4.92 -10.55 4.56
N GLN A 9 5.84 -9.96 3.80
CA GLN A 9 5.96 -10.26 2.37
C GLN A 9 4.71 -9.82 1.63
N ARG A 10 4.11 -8.72 2.07
CA ARG A 10 2.90 -8.20 1.45
C ARG A 10 3.04 -6.71 1.15
N CYS A 11 3.30 -6.40 -0.12
CA CYS A 11 3.47 -5.01 -0.54
C CYS A 11 2.33 -4.59 -1.47
N VAL A 12 1.70 -3.46 -1.15
CA VAL A 12 0.60 -2.94 -1.95
C VAL A 12 0.62 -1.42 -1.99
N THR A 13 0.11 -0.86 -3.09
CA THR A 13 0.05 0.59 -3.25
C THR A 13 -1.38 1.10 -3.23
N TYR A 14 -1.74 1.82 -2.18
CA TYR A 14 -3.08 2.37 -2.04
C TYR A 14 -3.06 3.89 -2.09
N CYS A 15 -3.93 4.46 -2.91
CA CYS A 15 -4.02 5.92 -3.05
C CYS A 15 -5.30 6.45 -2.43
N ARG A 16 -5.34 7.76 -2.19
CA ARG A 16 -6.51 8.39 -1.60
C ARG A 16 -7.77 8.04 -2.38
N GLY A 17 -8.87 7.83 -1.66
CA GLY A 17 -10.13 7.50 -2.30
C GLY A 17 -10.18 6.05 -2.73
N ARG A 18 -11.19 5.71 -3.53
CA ARG A 18 -11.35 4.34 -4.01
C ARG A 18 -10.92 4.22 -5.47
N CYS A 2 0.12 8.50 -3.01
CA CYS A 2 -0.07 7.08 -2.72
C CYS A 2 0.80 6.64 -1.55
N ARG A 3 0.38 5.57 -0.88
CA ARG A 3 1.13 5.05 0.26
C ARG A 3 1.49 3.59 0.04
N ARG A 4 2.78 3.28 0.22
CA ARG A 4 3.26 1.91 0.04
C ARG A 4 3.69 1.31 1.37
N LEU A 5 3.07 0.18 1.74
CA LEU A 5 3.39 -0.49 2.99
C LEU A 5 3.73 -1.96 2.74
N CYS A 6 4.92 -2.36 3.20
CA CYS A 6 5.37 -3.74 3.02
C CYS A 6 5.48 -4.45 4.37
N TYR A 7 4.85 -5.61 4.48
CA TYR A 7 4.86 -6.38 5.70
C TYR A 7 4.47 -7.83 5.45
N LYS A 8 5.17 -8.76 6.09
CA LYS A 8 4.89 -10.18 5.92
C LYS A 8 4.86 -10.57 4.45
N GLN A 9 5.78 -10.01 3.68
CA GLN A 9 5.86 -10.30 2.25
C GLN A 9 4.60 -9.83 1.53
N ARG A 10 4.05 -8.72 2.00
CA ARG A 10 2.83 -8.15 1.40
C ARG A 10 3.02 -6.67 1.09
N CYS A 11 3.17 -6.35 -0.19
CA CYS A 11 3.35 -4.97 -0.62
C CYS A 11 2.18 -4.50 -1.48
N VAL A 12 1.61 -3.36 -1.13
CA VAL A 12 0.48 -2.80 -1.87
C VAL A 12 0.55 -1.28 -1.90
N THR A 13 0.00 -0.69 -2.97
CA THR A 13 -0.01 0.76 -3.13
C THR A 13 -1.42 1.31 -3.03
N TYR A 14 -1.71 2.00 -1.93
CA TYR A 14 -3.03 2.58 -1.72
C TYR A 14 -3.03 4.07 -2.04
N CYS A 15 -3.81 4.44 -3.05
CA CYS A 15 -3.90 5.84 -3.47
C CYS A 15 -5.27 6.43 -3.10
N ARG A 16 -5.31 7.75 -2.92
CA ARG A 16 -6.54 8.42 -2.56
C ARG A 16 -7.60 8.24 -3.64
N GLY A 17 -8.83 7.97 -3.22
CA GLY A 17 -9.91 7.77 -4.17
C GLY A 17 -11.07 7.01 -3.56
N ARG A 18 -11.23 5.74 -3.96
CA ARG A 18 -12.31 4.91 -3.45
C ARG A 18 -11.81 3.50 -3.14
N CYS A 2 0.06 8.64 -3.09
CA CYS A 2 -0.11 7.22 -2.80
C CYS A 2 0.79 6.79 -1.65
N ARG A 3 0.43 5.69 -1.00
CA ARG A 3 1.20 5.17 0.12
C ARG A 3 1.48 3.68 -0.05
N ARG A 4 2.74 3.30 0.12
CA ARG A 4 3.14 1.90 -0.02
C ARG A 4 3.55 1.32 1.33
N LEU A 5 2.97 0.17 1.67
CA LEU A 5 3.27 -0.49 2.93
C LEU A 5 3.65 -1.95 2.70
N CYS A 6 4.81 -2.34 3.21
CA CYS A 6 5.30 -3.70 3.06
C CYS A 6 5.37 -4.40 4.41
N TYR A 7 4.71 -5.55 4.52
CA TYR A 7 4.71 -6.32 5.76
C TYR A 7 4.33 -7.77 5.50
N LYS A 8 5.02 -8.68 6.18
CA LYS A 8 4.76 -10.11 6.02
C LYS A 8 4.80 -10.51 4.55
N GLN A 9 5.75 -9.95 3.82
CA GLN A 9 5.88 -10.25 2.39
C GLN A 9 4.65 -9.80 1.62
N ARG A 10 4.06 -8.70 2.04
CA ARG A 10 2.88 -8.16 1.39
C ARG A 10 3.05 -6.68 1.08
N CYS A 11 3.23 -6.37 -0.20
CA CYS A 11 3.42 -4.99 -0.64
C CYS A 11 2.26 -4.55 -1.53
N VAL A 12 1.67 -3.40 -1.21
CA VAL A 12 0.56 -2.87 -1.99
C VAL A 12 0.60 -1.34 -2.03
N THR A 13 0.07 -0.77 -3.11
CA THR A 13 0.04 0.67 -3.27
C THR A 13 -1.36 1.23 -3.06
N TYR A 14 -1.56 1.87 -1.91
CA TYR A 14 -2.86 2.45 -1.58
C TYR A 14 -2.88 3.95 -1.87
N CYS A 15 -3.72 4.35 -2.81
CA CYS A 15 -3.84 5.76 -3.19
C CYS A 15 -5.18 6.33 -2.73
N ARG A 16 -5.23 7.65 -2.56
CA ARG A 16 -6.45 8.32 -2.13
C ARG A 16 -7.43 8.47 -3.29
N GLY A 17 -8.72 8.35 -2.98
CA GLY A 17 -9.74 8.47 -4.01
C GLY A 17 -10.78 7.37 -3.93
N ARG A 18 -11.99 7.67 -4.39
CA ARG A 18 -13.08 6.70 -4.37
C ARG A 18 -13.62 6.46 -5.78
N CYS A 2 -0.36 8.86 -2.73
CA CYS A 2 -0.32 7.42 -2.58
C CYS A 2 0.75 7.01 -1.56
N ARG A 3 0.64 5.78 -1.07
CA ARG A 3 1.60 5.27 -0.09
C ARG A 3 1.79 3.76 -0.25
N ARG A 4 3.00 3.30 0.01
CA ARG A 4 3.32 1.87 -0.10
C ARG A 4 3.58 1.26 1.27
N LEU A 5 2.96 0.13 1.53
CA LEU A 5 3.13 -0.57 2.80
C LEU A 5 3.59 -2.01 2.60
N CYS A 6 4.69 -2.37 3.22
CA CYS A 6 5.24 -3.71 3.10
C CYS A 6 5.31 -4.39 4.46
N TYR A 7 4.75 -5.60 4.56
CA TYR A 7 4.75 -6.35 5.80
C TYR A 7 4.39 -7.81 5.55
N LYS A 8 5.10 -8.71 6.22
CA LYS A 8 4.85 -10.14 6.07
C LYS A 8 4.86 -10.55 4.61
N GLN A 9 5.78 -9.99 3.84
CA GLN A 9 5.90 -10.30 2.43
C GLN A 9 4.65 -9.85 1.68
N ARG A 10 4.06 -8.74 2.11
CA ARG A 10 2.86 -8.21 1.48
C ARG A 10 3.02 -6.72 1.16
N CYS A 11 3.27 -6.43 -0.12
CA CYS A 11 3.45 -5.05 -0.56
C CYS A 11 2.29 -4.61 -1.46
N VAL A 12 1.70 -3.47 -1.14
CA VAL A 12 0.59 -2.94 -1.92
C VAL A 12 0.64 -1.42 -1.97
N THR A 13 0.11 -0.85 -3.06
CA THR A 13 0.08 0.60 -3.23
C THR A 13 -1.34 1.14 -3.16
N TYR A 14 -1.66 1.81 -2.05
CA TYR A 14 -3.00 2.37 -1.86
C TYR A 14 -2.97 3.89 -2.01
N CYS A 15 -3.86 4.41 -2.83
CA CYS A 15 -3.94 5.85 -3.05
C CYS A 15 -5.22 6.43 -2.44
N ARG A 16 -5.08 7.59 -1.81
CA ARG A 16 -6.23 8.25 -1.17
C ARG A 16 -7.23 8.73 -2.22
N GLY A 17 -8.52 8.61 -1.90
CA GLY A 17 -9.55 9.03 -2.82
C GLY A 17 -10.80 9.50 -2.11
N ARG A 18 -11.91 9.58 -2.86
CA ARG A 18 -13.18 10.01 -2.28
C ARG A 18 -13.83 8.89 -1.48
N CYS A 2 -0.27 8.87 -2.86
CA CYS A 2 -0.29 7.42 -2.65
C CYS A 2 0.73 7.02 -1.59
N ARG A 3 0.60 5.78 -1.10
CA ARG A 3 1.50 5.27 -0.09
C ARG A 3 1.72 3.77 -0.26
N ARG A 4 2.94 3.32 0.05
CA ARG A 4 3.28 1.91 -0.07
C ARG A 4 3.56 1.29 1.29
N LEU A 5 2.98 0.13 1.54
CA LEU A 5 3.16 -0.57 2.81
C LEU A 5 3.62 -2.01 2.58
N CYS A 6 4.70 -2.39 3.24
CA CYS A 6 5.24 -3.73 3.11
C CYS A 6 5.32 -4.42 4.48
N TYR A 7 4.74 -5.61 4.56
CA TYR A 7 4.74 -6.37 5.80
C TYR A 7 4.38 -7.84 5.55
N LYS A 8 5.10 -8.73 6.22
CA LYS A 8 4.86 -10.17 6.06
C LYS A 8 4.87 -10.57 4.60
N GLN A 9 5.80 -10.00 3.84
CA GLN A 9 5.92 -10.30 2.41
C GLN A 9 4.68 -9.86 1.66
N ARG A 10 4.09 -8.75 2.10
CA ARG A 10 2.88 -8.22 1.46
C ARG A 10 3.04 -6.74 1.15
N CYS A 11 3.29 -6.44 -0.12
CA CYS A 11 3.46 -5.05 -0.56
C CYS A 11 2.30 -4.62 -1.46
N VAL A 12 1.71 -3.48 -1.13
CA VAL A 12 0.59 -2.95 -1.91
C VAL A 12 0.63 -1.42 -1.96
N THR A 13 0.10 -0.86 -3.04
CA THR A 13 0.08 0.60 -3.20
C THR A 13 -1.35 1.13 -3.12
N TYR A 14 -1.65 1.82 -2.02
CA TYR A 14 -2.97 2.38 -1.81
C TYR A 14 -2.95 3.91 -1.97
N CYS A 15 -3.85 4.43 -2.79
CA CYS A 15 -3.93 5.86 -3.03
C CYS A 15 -5.20 6.44 -2.41
N ARG A 16 -5.04 7.43 -1.54
CA ARG A 16 -6.16 8.08 -0.88
C ARG A 16 -7.21 8.52 -1.91
N GLY A 17 -8.48 8.30 -1.58
CA GLY A 17 -9.56 8.68 -2.47
C GLY A 17 -10.80 7.85 -2.27
N ARG A 18 -10.76 6.58 -2.68
CA ARG A 18 -11.89 5.68 -2.53
C ARG A 18 -11.45 4.32 -2.03
N CYS A 2 0.06 8.53 -3.20
CA CYS A 2 -0.16 7.14 -2.82
C CYS A 2 0.82 6.71 -1.73
N ARG A 3 0.43 5.70 -0.97
CA ARG A 3 1.27 5.20 0.11
C ARG A 3 1.57 3.71 -0.07
N ARG A 4 2.81 3.32 0.18
CA ARG A 4 3.22 1.94 0.03
C ARG A 4 3.55 1.32 1.40
N LEU A 5 2.95 0.16 1.67
CA LEU A 5 3.16 -0.53 2.93
C LEU A 5 3.59 -1.98 2.70
N CYS A 6 4.75 -2.35 3.23
CA CYS A 6 5.26 -3.70 3.08
C CYS A 6 5.34 -4.40 4.43
N TYR A 7 4.71 -5.57 4.53
CA TYR A 7 4.70 -6.34 5.75
C TYR A 7 4.33 -7.80 5.48
N LYS A 8 5.03 -8.72 6.16
CA LYS A 8 4.79 -10.15 5.99
C LYS A 8 4.82 -10.54 4.52
N GLN A 9 5.76 -9.96 3.79
CA GLN A 9 5.91 -10.25 2.36
C GLN A 9 4.67 -9.80 1.58
N ARG A 10 4.08 -8.70 2.02
CA ARG A 10 2.89 -8.16 1.37
C ARG A 10 3.06 -6.67 1.07
N CYS A 11 3.27 -6.35 -0.20
CA CYS A 11 3.46 -4.97 -0.62
C CYS A 11 2.30 -4.52 -1.51
N VAL A 12 1.71 -3.38 -1.19
CA VAL A 12 0.60 -2.84 -1.96
C VAL A 12 0.64 -1.31 -1.99
N THR A 13 0.11 -0.73 -3.07
CA THR A 13 0.09 0.71 -3.22
C THR A 13 -1.33 1.26 -3.08
N TYR A 14 -1.60 1.88 -1.94
CA TYR A 14 -2.92 2.45 -1.68
C TYR A 14 -2.93 3.95 -1.95
N CYS A 15 -3.86 4.38 -2.80
CA CYS A 15 -3.98 5.80 -3.15
C CYS A 15 -5.29 6.38 -2.60
N ARG A 16 -5.33 7.71 -2.52
CA ARG A 16 -6.52 8.39 -2.01
C ARG A 16 -7.77 7.95 -2.78
N GLY A 17 -8.90 7.93 -2.08
CA GLY A 17 -10.15 7.54 -2.70
C GLY A 17 -11.36 8.12 -2.01
N ARG A 18 -12.00 9.10 -2.65
CA ARG A 18 -13.17 9.75 -2.08
C ARG A 18 -14.36 9.64 -3.03
N CYS A 2 -0.19 8.74 -2.89
CA CYS A 2 -0.19 7.30 -2.71
C CYS A 2 0.79 6.88 -1.61
N ARG A 3 0.56 5.70 -1.05
CA ARG A 3 1.42 5.19 0.02
C ARG A 3 1.69 3.70 -0.17
N ARG A 4 2.93 3.28 0.10
CA ARG A 4 3.31 1.89 -0.05
C ARG A 4 3.59 1.26 1.32
N LEU A 5 2.92 0.14 1.60
CA LEU A 5 3.09 -0.56 2.86
C LEU A 5 3.56 -2.00 2.63
N CYS A 6 4.70 -2.34 3.22
CA CYS A 6 5.24 -3.69 3.09
C CYS A 6 5.34 -4.38 4.45
N TYR A 7 4.78 -5.58 4.53
CA TYR A 7 4.79 -6.35 5.77
C TYR A 7 4.44 -7.81 5.51
N LYS A 8 5.15 -8.71 6.18
CA LYS A 8 4.91 -10.15 6.03
C LYS A 8 4.90 -10.54 4.55
N GLN A 9 5.83 -9.97 3.78
CA GLN A 9 5.92 -10.27 2.36
C GLN A 9 4.68 -9.82 1.62
N ARG A 10 4.09 -8.71 2.07
CA ARG A 10 2.88 -8.19 1.45
C ARG A 10 3.04 -6.70 1.13
N CYS A 11 3.28 -6.40 -0.14
CA CYS A 11 3.46 -5.01 -0.57
C CYS A 11 2.29 -4.58 -1.46
N VAL A 12 1.70 -3.43 -1.14
CA VAL A 12 0.58 -2.90 -1.92
C VAL A 12 0.61 -1.38 -1.96
N THR A 13 0.09 -0.81 -3.05
CA THR A 13 0.06 0.64 -3.20
C THR A 13 -1.36 1.17 -3.14
N TYR A 14 -1.67 1.87 -2.05
CA TYR A 14 -3.00 2.43 -1.86
C TYR A 14 -2.98 3.95 -2.00
N CYS A 15 -3.85 4.48 -2.85
CA CYS A 15 -3.92 5.91 -3.08
C CYS A 15 -5.24 6.48 -2.55
N ARG A 16 -5.23 7.75 -2.16
CA ARG A 16 -6.41 8.40 -1.64
C ARG A 16 -7.52 8.45 -2.69
N GLY A 17 -8.74 8.12 -2.28
CA GLY A 17 -9.86 8.12 -3.20
C GLY A 17 -11.16 7.73 -2.53
N ARG A 18 -12.14 7.35 -3.35
CA ARG A 18 -13.45 6.94 -2.83
C ARG A 18 -13.33 5.66 -2.00
N CYS A 2 -0.25 8.83 -2.86
CA CYS A 2 -0.26 7.39 -2.68
C CYS A 2 0.74 6.98 -1.60
N ARG A 3 0.57 5.76 -1.08
CA ARG A 3 1.44 5.24 -0.04
C ARG A 3 1.65 3.74 -0.21
N ARG A 4 2.88 3.28 0.04
CA ARG A 4 3.22 1.87 -0.08
C ARG A 4 3.58 1.28 1.28
N LEU A 5 2.97 0.15 1.61
CA LEU A 5 3.22 -0.53 2.87
C LEU A 5 3.63 -1.98 2.65
N CYS A 6 4.76 -2.36 3.24
CA CYS A 6 5.27 -3.73 3.11
C CYS A 6 5.34 -4.42 4.47
N TYR A 7 4.69 -5.58 4.57
CA TYR A 7 4.67 -6.34 5.81
C TYR A 7 4.32 -7.80 5.56
N LYS A 8 5.01 -8.70 6.24
CA LYS A 8 4.77 -10.12 6.09
C LYS A 8 4.82 -10.53 4.62
N GLN A 9 5.77 -9.97 3.89
CA GLN A 9 5.92 -10.27 2.47
C GLN A 9 4.68 -9.84 1.68
N ARG A 10 4.08 -8.73 2.11
CA ARG A 10 2.90 -8.20 1.45
C ARG A 10 3.06 -6.72 1.12
N CYS A 11 3.27 -6.41 -0.15
CA CYS A 11 3.44 -5.04 -0.59
C CYS A 11 2.30 -4.60 -1.49
N VAL A 12 1.70 -3.46 -1.17
CA VAL A 12 0.58 -2.93 -1.97
C VAL A 12 0.62 -1.41 -2.02
N THR A 13 0.10 -0.84 -3.10
CA THR A 13 0.07 0.60 -3.27
C THR A 13 -1.35 1.15 -3.11
N TYR A 14 -1.60 1.83 -2.00
CA TYR A 14 -2.91 2.41 -1.73
C TYR A 14 -2.90 3.91 -1.93
N CYS A 15 -3.82 4.40 -2.76
CA CYS A 15 -3.92 5.83 -3.03
C CYS A 15 -5.21 6.41 -2.47
N ARG A 16 -5.10 7.53 -1.76
CA ARG A 16 -6.26 8.18 -1.17
C ARG A 16 -7.28 8.55 -2.24
N GLY A 17 -8.56 8.40 -1.91
CA GLY A 17 -9.62 8.73 -2.85
C GLY A 17 -10.41 9.94 -2.44
N ARG A 18 -11.66 9.73 -2.04
CA ARG A 18 -12.52 10.83 -1.62
C ARG A 18 -12.24 11.22 -0.17
#